data_3GL5
#
_entry.id   3GL5
#
_cell.length_a   60.360
_cell.length_b   60.360
_cell.length_c   132.761
_cell.angle_alpha   90.00
_cell.angle_beta   90.00
_cell.angle_gamma   90.00
#
_symmetry.space_group_name_H-M   'P 41 21 2'
#
loop_
_entity.id
_entity.type
_entity.pdbx_description
1 polymer 'Putative DsbA oxidoreductase SCO1869'
2 non-polymer 'SODIUM ION'
3 non-polymer 'ACETATE ION'
4 water water
#
_entity_poly.entity_id   1
_entity_poly.type   'polypeptide(L)'
_entity_poly.pdbx_seq_one_letter_code
;GH(MSE)RVEIWSDIACPWCYVGKARFEKALAAFPHRDGVEVVHRSFELDPGRAKDDVQPVLT(MSE)LTAKYG(MSE)S
QEQAQAGEDNLGAQAAAEGLAYRTRDRDHGSTFDLHRLLHLAKERGRHEALLDAFYRGNFADERSVFNDDERLVELAVGA
GLDAEEVRAVLADPAAYADEVRADEREAAQLGATGVPFFVLDRAYGVSGAQPAEVFTQALTQAWGERTPLKLIDDGGAEA
CGPDGCAVPGH
;
_entity_poly.pdbx_strand_id   A
#
loop_
_chem_comp.id
_chem_comp.type
_chem_comp.name
_chem_comp.formula
ACT non-polymer 'ACETATE ION' 'C2 H3 O2 -1'
NA non-polymer 'SODIUM ION' 'Na 1'
#
# COMPACT_ATOMS: atom_id res chain seq x y z
N HIS A 2 -1.51 4.67 21.88
CA HIS A 2 -2.05 3.89 20.71
C HIS A 2 -0.94 3.05 20.10
N MSE A 3 -1.04 2.75 18.79
CA MSE A 3 -0.01 2.03 18.04
C MSE A 3 -0.13 2.29 16.55
O MSE A 3 -1.18 2.69 16.07
CB MSE A 3 -0.08 0.50 18.30
CG MSE A 3 -1.29 -0.17 17.76
SE MSE A 3 -1.27 -2.16 17.96
CE MSE A 3 -2.88 -2.41 16.95
N ARG A 4 0.96 2.03 15.81
CA ARG A 4 0.98 2.27 14.37
C ARG A 4 0.92 0.92 13.62
N VAL A 5 0.17 0.89 12.53
CA VAL A 5 0.17 -0.21 11.56
C VAL A 5 0.71 0.28 10.18
N GLU A 6 1.88 -0.23 9.78
CA GLU A 6 2.47 0.10 8.46
C GLU A 6 2.15 -0.96 7.43
N ILE A 7 1.78 -0.53 6.24
CA ILE A 7 1.33 -1.46 5.21
C ILE A 7 2.15 -1.26 3.94
N TRP A 8 3.04 -2.20 3.65
CA TRP A 8 3.80 -2.16 2.38
C TRP A 8 2.98 -2.75 1.25
N SER A 9 2.92 -2.08 0.10
CA SER A 9 2.18 -2.64 -1.05
C SER A 9 2.69 -2.03 -2.35
N ASP A 10 2.36 -2.68 -3.46
CA ASP A 10 2.60 -2.16 -4.80
C ASP A 10 1.27 -1.96 -5.46
N ILE A 11 1.16 -1.01 -6.38
CA ILE A 11 -0.05 -0.86 -7.19
C ILE A 11 -0.37 -2.06 -8.15
N ALA A 12 0.69 -2.71 -8.66
CA ALA A 12 0.52 -3.87 -9.58
C ALA A 12 0.42 -5.17 -8.75
N CYS A 13 -0.39 -5.17 -7.71
CA CYS A 13 -0.45 -6.33 -6.83
C CYS A 13 -1.93 -6.52 -6.45
N PRO A 14 -2.61 -7.47 -7.09
CA PRO A 14 -4.06 -7.66 -6.85
C PRO A 14 -4.38 -7.93 -5.38
N TRP A 15 -3.57 -8.72 -4.67
CA TRP A 15 -3.74 -8.99 -3.24
C TRP A 15 -3.47 -7.82 -2.32
N CYS A 16 -2.69 -6.84 -2.78
CA CYS A 16 -2.50 -5.58 -2.04
C CYS A 16 -3.82 -4.81 -2.03
N TYR A 17 -4.45 -4.72 -3.20
CA TYR A 17 -5.77 -4.09 -3.40
C TYR A 17 -6.88 -4.77 -2.61
N VAL A 18 -6.98 -6.10 -2.69
CA VAL A 18 -7.95 -6.86 -1.89
C VAL A 18 -7.59 -6.81 -0.39
N GLY A 19 -6.31 -7.02 -0.05
CA GLY A 19 -5.88 -6.99 1.36
C GLY A 19 -6.04 -5.65 2.08
N LYS A 20 -5.97 -4.56 1.33
CA LYS A 20 -6.18 -3.28 1.96
C LYS A 20 -7.63 -3.19 2.49
N ALA A 21 -8.58 -3.63 1.67
CA ALA A 21 -10.00 -3.58 2.02
C ALA A 21 -10.30 -4.52 3.18
N ARG A 22 -9.65 -5.69 3.16
CA ARG A 22 -9.83 -6.68 4.24
C ARG A 22 -9.33 -6.13 5.58
N PHE A 23 -8.17 -5.48 5.55
CA PHE A 23 -7.61 -4.86 6.72
C PHE A 23 -8.50 -3.77 7.26
N GLU A 24 -9.03 -2.95 6.34
CA GLU A 24 -9.82 -1.81 6.77
C GLU A 24 -11.11 -2.31 7.41
N LYS A 25 -11.67 -3.34 6.79
CA LYS A 25 -12.85 -3.95 7.36
C LYS A 25 -12.55 -4.46 8.78
N ALA A 26 -11.40 -5.10 8.98
CA ALA A 26 -11.01 -5.60 10.30
C ALA A 26 -10.78 -4.44 11.28
N LEU A 27 -10.21 -3.36 10.77
CA LEU A 27 -9.88 -2.25 11.62
C LEU A 27 -11.17 -1.56 12.16
N ALA A 28 -12.19 -1.45 11.29
CA ALA A 28 -13.46 -0.85 11.65
C ALA A 28 -14.19 -1.65 12.71
N ALA A 29 -13.90 -2.94 12.81
CA ALA A 29 -14.54 -3.72 13.87
C ALA A 29 -13.61 -3.91 15.07
N PHE A 30 -12.41 -3.34 15.03
CA PHE A 30 -11.46 -3.45 16.16
C PHE A 30 -11.85 -2.48 17.32
N PRO A 31 -11.89 -2.96 18.60
CA PRO A 31 -12.28 -2.15 19.76
C PRO A 31 -11.37 -0.96 20.03
N HIS A 32 -10.15 -0.95 19.52
CA HIS A 32 -9.31 0.23 19.73
C HIS A 32 -8.87 0.87 18.46
N ARG A 33 -9.77 0.90 17.47
N ARG A 33 -9.77 0.85 17.46
CA ARG A 33 -9.48 1.52 16.19
CA ARG A 33 -9.57 1.52 16.20
C ARG A 33 -9.14 2.99 16.34
C ARG A 33 -9.05 2.93 16.42
N ASP A 34 -9.68 3.63 17.37
CA ASP A 34 -9.42 5.06 17.63
C ASP A 34 -7.95 5.32 17.95
N GLY A 35 -7.27 4.32 18.51
CA GLY A 35 -5.85 4.44 18.82
C GLY A 35 -4.90 3.91 17.75
N VAL A 36 -5.37 3.60 16.54
CA VAL A 36 -4.49 3.01 15.54
C VAL A 36 -4.16 4.03 14.45
N GLU A 37 -2.88 4.21 14.12
CA GLU A 37 -2.51 5.02 12.96
C GLU A 37 -2.00 4.11 11.85
N VAL A 38 -2.54 4.28 10.63
CA VAL A 38 -2.19 3.47 9.47
C VAL A 38 -1.27 4.31 8.56
N VAL A 39 -0.11 3.77 8.22
CA VAL A 39 0.85 4.48 7.38
C VAL A 39 1.11 3.57 6.18
N HIS A 40 0.94 4.11 4.98
CA HIS A 40 1.22 3.36 3.75
C HIS A 40 2.66 3.59 3.30
N ARG A 41 3.23 2.52 2.73
CA ARG A 41 4.67 2.38 2.48
C ARG A 41 4.86 1.78 1.09
N SER A 42 5.87 2.27 0.37
CA SER A 42 6.12 1.84 -1.00
C SER A 42 6.77 0.46 -1.06
N PHE A 43 6.37 -0.34 -2.02
CA PHE A 43 7.09 -1.55 -2.35
C PHE A 43 6.95 -1.79 -3.83
N GLU A 44 8.03 -2.16 -4.51
CA GLU A 44 7.90 -2.51 -5.92
C GLU A 44 8.17 -4.00 -6.09
N LEU A 45 7.20 -4.72 -6.63
CA LEU A 45 7.41 -6.13 -6.98
C LEU A 45 8.47 -6.26 -8.09
N ASP A 46 8.56 -5.27 -8.99
CA ASP A 46 9.53 -5.37 -10.08
C ASP A 46 10.25 -4.04 -10.26
N PRO A 47 11.18 -3.73 -9.36
CA PRO A 47 11.80 -2.39 -9.44
C PRO A 47 12.70 -2.22 -10.69
N GLY A 48 13.11 -3.31 -11.31
CA GLY A 48 14.04 -3.21 -12.42
C GLY A 48 13.30 -3.04 -13.71
N ARG A 49 11.98 -3.10 -13.68
CA ARG A 49 11.22 -3.06 -14.90
C ARG A 49 11.32 -1.69 -15.59
N ALA A 50 11.33 -1.67 -16.92
CA ALA A 50 11.43 -0.40 -17.67
C ALA A 50 10.07 0.28 -17.80
N LYS A 51 10.08 1.61 -17.75
CA LYS A 51 8.81 2.31 -17.81
C LYS A 51 8.01 1.94 -19.06
N ASP A 52 8.66 1.74 -20.19
CA ASP A 52 7.91 1.45 -21.41
C ASP A 52 7.63 -0.03 -21.59
N ASP A 53 7.89 -0.83 -20.57
CA ASP A 53 7.58 -2.25 -20.65
C ASP A 53 6.22 -2.58 -19.99
N VAL A 54 5.14 -2.42 -20.77
CA VAL A 54 3.77 -2.76 -20.32
C VAL A 54 3.31 -4.01 -21.05
N GLN A 55 2.76 -4.95 -20.29
CA GLN A 55 2.42 -6.27 -20.81
C GLN A 55 1.00 -6.60 -20.37
N PRO A 56 0.25 -7.40 -21.16
CA PRO A 56 -1.03 -7.88 -20.59
C PRO A 56 -0.78 -8.84 -19.44
N VAL A 57 -1.55 -8.72 -18.36
CA VAL A 57 -1.39 -9.58 -17.19
C VAL A 57 -1.44 -11.06 -17.58
N LEU A 58 -2.37 -11.40 -18.46
CA LEU A 58 -2.67 -12.79 -18.73
C LEU A 58 -1.51 -13.45 -19.53
N THR A 59 -0.92 -12.67 -20.45
CA THR A 59 0.32 -12.99 -21.16
C THR A 59 1.47 -13.23 -20.19
N MSE A 60 1.61 -12.34 -19.22
N MSE A 60 1.59 -12.35 -19.21
CA MSE A 60 2.64 -12.44 -18.19
CA MSE A 60 2.64 -12.45 -18.21
C MSE A 60 2.54 -13.74 -17.41
C MSE A 60 2.53 -13.74 -17.41
O MSE A 60 3.54 -14.41 -17.16
O MSE A 60 3.54 -14.39 -17.13
CB MSE A 60 2.58 -11.25 -17.22
CB MSE A 60 2.57 -11.25 -17.29
CG MSE A 60 3.25 -11.51 -15.86
CG MSE A 60 3.78 -11.07 -16.44
SE MSE A 60 2.71 -10.21 -14.51
SE MSE A 60 3.74 -9.21 -15.95
CE MSE A 60 1.54 -11.32 -13.44
CE MSE A 60 2.47 -8.64 -17.30
N LEU A 61 1.32 -14.11 -17.01
CA LEU A 61 1.09 -15.33 -16.26
C LEU A 61 1.44 -16.58 -17.10
N THR A 62 0.94 -16.62 -18.31
CA THR A 62 1.12 -17.80 -19.14
C THR A 62 2.56 -17.89 -19.68
N ALA A 63 3.13 -16.76 -20.09
CA ALA A 63 4.47 -16.72 -20.67
C ALA A 63 5.60 -16.74 -19.63
N LYS A 64 5.52 -15.81 -18.67
CA LYS A 64 6.54 -15.64 -17.61
C LYS A 64 6.44 -16.66 -16.46
N TYR A 65 5.31 -17.33 -16.27
CA TYR A 65 5.20 -18.26 -15.13
C TYR A 65 4.89 -19.68 -15.49
N GLY A 66 4.98 -19.98 -16.78
CA GLY A 66 4.76 -21.33 -17.29
C GLY A 66 3.48 -21.97 -16.79
N MSE A 67 2.39 -21.21 -16.88
CA MSE A 67 1.07 -21.61 -16.44
C MSE A 67 0.14 -21.62 -17.65
O MSE A 67 0.37 -20.91 -18.61
CB MSE A 67 0.62 -20.62 -15.39
CG MSE A 67 -0.85 -20.40 -15.26
SE MSE A 67 -1.03 -19.12 -13.86
CE MSE A 67 0.83 -19.06 -13.20
N SER A 68 -0.92 -22.42 -17.60
CA SER A 68 -1.84 -22.49 -18.72
C SER A 68 -2.73 -21.26 -18.79
N GLN A 69 -3.31 -21.04 -19.96
CA GLN A 69 -4.14 -19.87 -20.13
C GLN A 69 -5.42 -20.02 -19.33
N GLU A 70 -5.96 -21.24 -19.34
N GLU A 70 -5.94 -21.24 -19.30
CA GLU A 70 -7.12 -21.61 -18.53
CA GLU A 70 -7.15 -21.52 -18.53
C GLU A 70 -6.86 -21.20 -17.08
C GLU A 70 -6.90 -21.27 -17.04
N GLN A 71 -5.71 -21.60 -16.54
CA GLN A 71 -5.39 -21.39 -15.12
C GLN A 71 -5.23 -19.93 -14.82
N ALA A 72 -4.66 -19.20 -15.76
CA ALA A 72 -4.47 -17.77 -15.63
C ALA A 72 -5.84 -17.12 -15.48
N GLN A 73 -6.75 -17.43 -16.39
N GLN A 73 -6.75 -17.41 -16.41
CA GLN A 73 -8.09 -16.86 -16.36
CA GLN A 73 -8.11 -16.85 -16.35
C GLN A 73 -8.81 -17.16 -15.05
C GLN A 73 -8.81 -17.16 -15.04
N ALA A 74 -8.66 -18.39 -14.56
CA ALA A 74 -9.28 -18.82 -13.29
C ALA A 74 -8.78 -18.06 -12.06
N GLY A 75 -7.48 -17.79 -12.00
CA GLY A 75 -6.94 -16.98 -10.91
C GLY A 75 -7.61 -15.62 -10.93
N GLU A 76 -7.73 -15.02 -12.11
CA GLU A 76 -8.32 -13.69 -12.27
C GLU A 76 -9.81 -13.67 -11.92
N ASP A 77 -10.52 -14.70 -12.35
CA ASP A 77 -11.93 -14.86 -11.96
C ASP A 77 -12.04 -14.98 -10.44
N ASN A 78 -11.17 -15.77 -9.82
CA ASN A 78 -11.20 -15.84 -8.39
C ASN A 78 -10.92 -14.51 -7.72
N LEU A 79 -9.92 -13.78 -8.23
CA LEU A 79 -9.60 -12.49 -7.68
C LEU A 79 -10.77 -11.52 -7.87
N GLY A 80 -11.45 -11.61 -8.99
CA GLY A 80 -12.65 -10.81 -9.22
C GLY A 80 -13.75 -11.12 -8.21
N ALA A 81 -13.96 -12.39 -7.90
CA ALA A 81 -14.94 -12.74 -6.88
C ALA A 81 -14.58 -12.18 -5.49
N GLN A 82 -13.31 -12.29 -5.11
N GLN A 82 -13.30 -12.30 -5.13
CA GLN A 82 -12.91 -11.89 -3.76
CA GLN A 82 -12.81 -11.90 -3.82
C GLN A 82 -12.89 -10.36 -3.65
C GLN A 82 -12.92 -10.38 -3.67
N ALA A 83 -12.51 -9.68 -4.73
CA ALA A 83 -12.63 -8.22 -4.81
C ALA A 83 -14.10 -7.84 -4.66
N ALA A 84 -15.03 -8.47 -5.40
CA ALA A 84 -16.45 -8.08 -5.29
C ALA A 84 -16.92 -8.18 -3.83
N ALA A 85 -16.49 -9.24 -3.17
CA ALA A 85 -16.92 -9.51 -1.81
C ALA A 85 -16.45 -8.45 -0.80
N GLU A 86 -15.40 -7.69 -1.13
CA GLU A 86 -14.94 -6.54 -0.33
C GLU A 86 -15.50 -5.20 -0.82
N GLY A 87 -16.35 -5.20 -1.86
CA GLY A 87 -16.91 -3.98 -2.41
C GLY A 87 -16.03 -3.25 -3.39
N LEU A 88 -15.03 -3.97 -3.89
CA LEU A 88 -14.10 -3.45 -4.88
C LEU A 88 -14.39 -3.94 -6.27
N ALA A 89 -14.33 -3.03 -7.22
CA ALA A 89 -14.38 -3.37 -8.62
C ALA A 89 -13.06 -4.04 -9.03
N TYR A 90 -13.12 -4.96 -9.99
CA TYR A 90 -11.93 -5.69 -10.42
C TYR A 90 -12.21 -6.29 -11.80
N ARG A 91 -11.58 -5.77 -12.85
CA ARG A 91 -11.72 -6.34 -14.20
C ARG A 91 -11.00 -7.66 -14.34
N THR A 92 -11.73 -8.68 -14.74
CA THR A 92 -11.17 -10.04 -14.84
C THR A 92 -10.58 -10.33 -16.23
N ARG A 93 -10.55 -9.31 -17.08
CA ARG A 93 -10.07 -9.44 -18.43
C ARG A 93 -9.30 -8.21 -18.87
N ASP A 94 -8.24 -8.45 -19.63
CA ASP A 94 -7.48 -7.44 -20.34
C ASP A 94 -6.78 -6.45 -19.48
N ARG A 95 -6.47 -6.83 -18.24
CA ARG A 95 -5.61 -5.99 -17.38
C ARG A 95 -4.18 -6.00 -17.90
N ASP A 96 -3.47 -4.92 -17.63
CA ASP A 96 -2.08 -4.81 -18.01
C ASP A 96 -1.23 -4.64 -16.76
N HIS A 97 0.07 -4.61 -16.96
CA HIS A 97 1.00 -4.65 -15.88
C HIS A 97 2.29 -3.94 -16.32
N GLY A 98 2.86 -3.12 -15.44
CA GLY A 98 4.08 -2.36 -15.76
C GLY A 98 4.85 -1.87 -14.54
N SER A 99 5.78 -0.97 -14.80
CA SER A 99 6.60 -0.37 -13.77
C SER A 99 5.76 0.59 -12.88
N THR A 100 6.02 0.61 -11.56
CA THR A 100 5.23 1.51 -10.64
C THR A 100 6.09 2.57 -9.96
N PHE A 101 7.33 2.70 -10.39
CA PHE A 101 8.27 3.53 -9.71
C PHE A 101 7.74 4.96 -9.55
N ASP A 102 7.31 5.55 -10.67
CA ASP A 102 6.77 6.90 -10.72
C ASP A 102 5.44 7.04 -9.94
N LEU A 103 4.62 6.00 -9.99
CA LEU A 103 3.42 6.00 -9.18
C LEU A 103 3.81 6.14 -7.70
N HIS A 104 4.81 5.39 -7.28
CA HIS A 104 5.23 5.46 -5.90
C HIS A 104 5.81 6.81 -5.51
N ARG A 105 6.57 7.44 -6.40
CA ARG A 105 7.08 8.80 -6.16
C ARG A 105 5.93 9.78 -5.96
N LEU A 106 4.91 9.65 -6.79
CA LEU A 106 3.69 10.45 -6.66
C LEU A 106 2.90 10.14 -5.41
N LEU A 107 2.92 8.87 -4.94
CA LEU A 107 2.29 8.55 -3.66
C LEU A 107 2.98 9.32 -2.51
N HIS A 108 4.28 9.51 -2.62
CA HIS A 108 5.03 10.26 -1.63
C HIS A 108 4.73 11.77 -1.72
N LEU A 109 4.64 12.33 -2.90
CA LEU A 109 3.98 13.66 -3.05
C LEU A 109 2.67 13.76 -2.27
N ALA A 110 1.73 12.86 -2.59
CA ALA A 110 0.49 12.72 -1.81
C ALA A 110 0.67 12.58 -0.29
N LYS A 111 1.63 11.77 0.16
CA LYS A 111 1.76 11.49 1.60
C LYS A 111 2.10 12.80 2.31
N GLU A 112 2.82 13.63 1.55
CA GLU A 112 3.25 14.94 1.95
C GLU A 112 2.33 16.04 1.39
N ARG A 113 1.11 15.68 1.06
CA ARG A 113 0.04 16.65 0.92
C ARG A 113 -1.16 16.13 1.70
N GLY A 114 -0.92 15.23 2.65
CA GLY A 114 -1.98 14.59 3.44
C GLY A 114 -3.04 13.83 2.65
N ARG A 115 -2.73 13.49 1.39
CA ARG A 115 -3.70 12.86 0.50
C ARG A 115 -3.28 11.44 0.14
N HIS A 116 -2.49 10.81 1.00
CA HIS A 116 -1.89 9.53 0.65
C HIS A 116 -2.96 8.46 0.28
N GLU A 117 -3.97 8.29 1.15
CA GLU A 117 -4.95 7.25 0.94
C GLU A 117 -5.86 7.49 -0.29
N ALA A 118 -6.18 8.77 -0.54
CA ALA A 118 -6.91 9.17 -1.74
C ALA A 118 -6.15 8.85 -3.02
N LEU A 119 -4.86 9.09 -3.08
CA LEU A 119 -4.14 8.78 -4.32
C LEU A 119 -3.88 7.26 -4.45
N LEU A 120 -3.65 6.62 -3.31
CA LEU A 120 -3.48 5.16 -3.30
C LEU A 120 -4.73 4.46 -3.88
N ASP A 121 -5.90 4.82 -3.36
CA ASP A 121 -7.16 4.28 -3.89
C ASP A 121 -7.40 4.67 -5.33
N ALA A 122 -6.99 5.88 -5.75
CA ALA A 122 -7.12 6.26 -7.15
C ALA A 122 -6.26 5.40 -8.05
N PHE A 123 -5.00 5.22 -7.67
CA PHE A 123 -4.11 4.42 -8.47
C PHE A 123 -4.59 2.95 -8.57
N TYR A 124 -5.08 2.39 -7.45
CA TYR A 124 -5.64 1.02 -7.43
C TYR A 124 -6.83 0.90 -8.34
N ARG A 125 -7.74 1.87 -8.25
N ARG A 125 -7.77 1.85 -8.28
N ARG A 125 -7.75 1.88 -8.24
CA ARG A 125 -8.93 1.99 -9.09
CA ARG A 125 -8.93 1.85 -9.17
CA ARG A 125 -8.94 2.01 -9.10
C ARG A 125 -8.51 2.15 -10.55
C ARG A 125 -8.49 2.10 -10.61
C ARG A 125 -8.53 2.15 -10.56
N GLY A 126 -7.60 3.08 -10.81
CA GLY A 126 -6.99 3.27 -12.15
C GLY A 126 -6.40 1.97 -12.71
N ASN A 127 -5.76 1.18 -11.86
CA ASN A 127 -5.20 -0.11 -12.28
C ASN A 127 -6.27 -1.23 -12.51
N PHE A 128 -7.06 -1.52 -11.48
CA PHE A 128 -7.91 -2.72 -11.42
C PHE A 128 -9.36 -2.53 -11.87
N ALA A 129 -9.88 -1.31 -11.75
CA ALA A 129 -11.27 -1.02 -12.12
C ALA A 129 -11.43 -0.45 -13.51
N ASP A 130 -10.36 0.02 -14.09
CA ASP A 130 -10.44 0.94 -15.18
C ASP A 130 -9.70 0.33 -16.37
N GLU A 131 -10.28 0.45 -17.57
CA GLU A 131 -9.71 -0.15 -18.79
C GLU A 131 -8.46 0.60 -19.29
N ARG A 132 -8.41 1.92 -19.07
CA ARG A 132 -7.20 2.69 -19.32
C ARG A 132 -6.06 2.27 -18.40
N SER A 133 -4.87 2.16 -18.98
CA SER A 133 -3.67 1.78 -18.26
C SER A 133 -3.16 2.93 -17.36
N VAL A 134 -2.65 2.56 -16.20
CA VAL A 134 -1.88 3.48 -15.38
C VAL A 134 -0.38 3.44 -15.68
N PHE A 135 0.04 2.64 -16.66
CA PHE A 135 1.49 2.43 -16.90
C PHE A 135 2.02 3.20 -18.10
N ASN A 136 3.25 3.67 -18.01
CA ASN A 136 3.82 4.39 -19.12
C ASN A 136 2.84 5.44 -19.77
N ASP A 137 2.14 6.23 -18.93
CA ASP A 137 1.23 7.29 -19.38
C ASP A 137 1.12 8.42 -18.34
N ASP A 138 1.99 9.40 -18.48
CA ASP A 138 2.10 10.47 -17.50
C ASP A 138 0.82 11.27 -17.37
N GLU A 139 0.18 11.57 -18.50
CA GLU A 139 -1.06 12.31 -18.49
C GLU A 139 -2.18 11.58 -17.72
N ARG A 140 -2.23 10.26 -17.84
CA ARG A 140 -3.13 9.45 -16.99
C ARG A 140 -2.87 9.66 -15.50
N LEU A 141 -1.62 9.62 -15.09
CA LEU A 141 -1.26 9.87 -13.70
C LEU A 141 -1.63 11.28 -13.27
N VAL A 142 -1.45 12.24 -14.16
CA VAL A 142 -1.83 13.58 -13.84
C VAL A 142 -3.34 13.66 -13.52
N GLU A 143 -4.14 13.07 -14.39
CA GLU A 143 -5.60 13.10 -14.24
C GLU A 143 -5.99 12.39 -12.94
N LEU A 144 -5.48 11.17 -12.74
CA LEU A 144 -5.75 10.45 -11.50
C LEU A 144 -5.34 11.25 -10.25
N ALA A 145 -4.22 11.94 -10.33
CA ALA A 145 -3.71 12.68 -9.20
C ALA A 145 -4.58 13.92 -8.93
N VAL A 146 -4.91 14.67 -9.97
CA VAL A 146 -5.76 15.83 -9.81
C VAL A 146 -7.09 15.39 -9.18
N GLY A 147 -7.62 14.25 -9.63
CA GLY A 147 -8.90 13.78 -9.12
C GLY A 147 -8.86 13.49 -7.64
N ALA A 148 -7.68 13.12 -7.15
CA ALA A 148 -7.43 12.81 -5.74
C ALA A 148 -7.17 14.05 -4.84
N GLY A 149 -7.29 15.26 -5.39
CA GLY A 149 -7.02 16.46 -4.63
C GLY A 149 -5.68 17.14 -4.86
N LEU A 150 -4.77 16.48 -5.57
CA LEU A 150 -3.42 17.05 -5.75
C LEU A 150 -3.41 18.15 -6.82
N ASP A 151 -2.39 19.02 -6.77
CA ASP A 151 -2.19 20.08 -7.79
C ASP A 151 -1.43 19.57 -9.01
N ALA A 152 -1.78 20.05 -10.20
CA ALA A 152 -1.35 19.46 -11.48
C ALA A 152 0.03 19.88 -12.02
N GLU A 153 0.32 21.19 -11.97
N GLU A 153 0.35 21.18 -11.97
CA GLU A 153 1.61 21.71 -12.41
CA GLU A 153 1.66 21.64 -12.46
C GLU A 153 2.70 21.01 -11.59
C GLU A 153 2.75 21.06 -11.56
N GLU A 154 2.34 20.75 -10.34
CA GLU A 154 3.17 20.18 -9.32
C GLU A 154 3.37 18.68 -9.51
N VAL A 155 2.27 17.98 -9.79
CA VAL A 155 2.32 16.55 -9.99
C VAL A 155 3.20 16.29 -11.18
N ARG A 156 3.08 17.17 -12.16
CA ARG A 156 3.86 17.15 -13.39
C ARG A 156 5.34 17.41 -13.16
N ALA A 157 5.65 18.35 -12.26
CA ALA A 157 7.03 18.59 -11.86
C ALA A 157 7.65 17.34 -11.22
N VAL A 158 6.91 16.67 -10.35
CA VAL A 158 7.40 15.40 -9.76
C VAL A 158 7.68 14.34 -10.86
N LEU A 159 6.77 14.25 -11.82
CA LEU A 159 6.91 13.29 -12.90
C LEU A 159 8.04 13.66 -13.84
N ALA A 160 8.28 14.96 -14.01
CA ALA A 160 9.38 15.46 -14.84
C ALA A 160 10.75 15.31 -14.19
N ASP A 161 10.77 15.26 -12.85
CA ASP A 161 12.05 15.17 -12.13
C ASP A 161 12.20 13.79 -11.46
N PRO A 162 12.92 12.84 -12.13
CA PRO A 162 13.13 11.46 -11.61
C PRO A 162 13.60 11.37 -10.15
N ALA A 163 14.43 12.31 -9.70
CA ALA A 163 14.92 12.28 -8.32
C ALA A 163 13.87 12.69 -7.30
N ALA A 164 12.82 13.40 -7.75
CA ALA A 164 11.72 13.83 -6.89
C ALA A 164 11.08 12.65 -6.18
N TYR A 165 11.35 12.54 -4.87
CA TYR A 165 10.81 11.52 -3.97
C TYR A 165 11.42 10.13 -4.14
N ALA A 166 12.44 10.03 -4.98
CA ALA A 166 13.11 8.76 -5.21
C ALA A 166 13.72 8.20 -3.91
N ASP A 167 14.31 9.08 -3.11
CA ASP A 167 14.98 8.67 -1.87
C ASP A 167 13.97 8.04 -0.92
N GLU A 168 12.81 8.68 -0.88
CA GLU A 168 11.71 8.28 -0.03
C GLU A 168 11.17 6.91 -0.46
N VAL A 169 11.00 6.70 -1.76
CA VAL A 169 10.59 5.38 -2.23
C VAL A 169 11.60 4.31 -1.82
N ARG A 170 12.88 4.54 -2.12
CA ARG A 170 13.90 3.56 -1.81
C ARG A 170 13.96 3.32 -0.30
N ALA A 171 13.79 4.34 0.54
CA ALA A 171 13.89 4.16 1.99
C ALA A 171 12.76 3.25 2.49
N ASP A 172 11.54 3.36 1.94
CA ASP A 172 10.45 2.47 2.29
C ASP A 172 10.83 1.05 1.86
N GLU A 173 11.41 0.93 0.66
CA GLU A 173 11.75 -0.41 0.16
C GLU A 173 12.85 -1.03 0.99
N ARG A 174 13.83 -0.22 1.34
CA ARG A 174 14.91 -0.63 2.23
C ARG A 174 14.37 -1.19 3.56
N GLU A 175 13.50 -0.41 4.21
CA GLU A 175 12.86 -0.79 5.50
C GLU A 175 12.10 -2.15 5.42
N ALA A 176 11.36 -2.37 4.33
CA ALA A 176 10.66 -3.65 4.09
C ALA A 176 11.65 -4.80 4.01
N ALA A 177 12.72 -4.58 3.26
CA ALA A 177 13.79 -5.56 3.12
C ALA A 177 14.43 -5.85 4.50
N GLN A 178 14.68 -4.82 5.29
CA GLN A 178 15.21 -5.01 6.65
C GLN A 178 14.24 -5.77 7.55
N LEU A 179 12.94 -5.53 7.38
CA LEU A 179 11.94 -6.21 8.19
C LEU A 179 11.64 -7.64 7.74
N GLY A 180 12.34 -8.11 6.70
CA GLY A 180 12.20 -9.48 6.23
C GLY A 180 11.17 -9.76 5.13
N ALA A 181 10.41 -8.75 4.70
CA ALA A 181 9.36 -8.93 3.69
C ALA A 181 9.92 -9.19 2.29
N THR A 182 9.47 -10.23 1.60
CA THR A 182 9.88 -10.39 0.20
C THR A 182 8.67 -10.39 -0.74
N GLY A 183 7.52 -10.07 -0.19
CA GLY A 183 6.27 -10.10 -0.94
C GLY A 183 5.26 -9.22 -0.21
N VAL A 184 4.28 -8.73 -0.95
CA VAL A 184 3.25 -7.83 -0.40
C VAL A 184 1.82 -8.38 -0.65
N PRO A 185 0.82 -7.91 0.11
CA PRO A 185 0.90 -6.86 1.14
C PRO A 185 1.58 -7.38 2.41
N PHE A 186 2.21 -6.47 3.15
CA PHE A 186 2.98 -6.82 4.33
C PHE A 186 2.63 -5.76 5.35
N PHE A 187 2.11 -6.21 6.49
CA PHE A 187 1.56 -5.40 7.54
C PHE A 187 2.40 -5.57 8.77
N VAL A 188 2.80 -4.45 9.34
CA VAL A 188 3.63 -4.49 10.51
C VAL A 188 2.87 -3.73 11.58
N LEU A 189 2.53 -4.46 12.63
CA LEU A 189 1.66 -3.94 13.67
C LEU A 189 2.53 -3.63 14.84
N ASP A 190 2.69 -2.35 15.12
CA ASP A 190 3.46 -1.91 16.28
C ASP A 190 4.94 -2.31 16.25
N ARG A 191 5.54 -2.44 15.07
CA ARG A 191 6.89 -3.02 14.98
C ARG A 191 7.12 -4.30 15.84
N ALA A 192 6.05 -5.07 16.14
CA ALA A 192 6.16 -6.34 16.91
C ALA A 192 5.69 -7.53 16.12
N TYR A 193 4.66 -7.32 15.30
CA TYR A 193 4.06 -8.41 14.55
C TYR A 193 4.03 -8.13 13.05
N GLY A 194 4.50 -9.09 12.26
CA GLY A 194 4.38 -9.00 10.80
C GLY A 194 3.25 -9.85 10.27
N VAL A 195 2.37 -9.28 9.48
CA VAL A 195 1.36 -10.07 8.81
C VAL A 195 1.51 -9.97 7.29
N SER A 196 1.54 -11.13 6.64
CA SER A 196 1.80 -11.18 5.23
C SER A 196 0.63 -11.75 4.43
N GLY A 197 0.38 -11.16 3.28
CA GLY A 197 -0.73 -11.58 2.43
C GLY A 197 -2.09 -11.01 2.78
N ALA A 198 -3.03 -11.18 1.84
CA ALA A 198 -4.44 -10.78 2.00
C ALA A 198 -5.21 -11.78 2.89
N GLN A 199 -4.92 -11.72 4.17
CA GLN A 199 -5.53 -12.54 5.18
C GLN A 199 -7.06 -12.24 5.37
N PRO A 200 -7.82 -13.20 5.92
CA PRO A 200 -9.21 -12.96 6.37
C PRO A 200 -9.28 -11.80 7.34
N ALA A 201 -10.34 -11.01 7.31
CA ALA A 201 -10.42 -9.91 8.26
C ALA A 201 -10.25 -10.44 9.68
N GLU A 202 -10.61 -11.72 9.87
CA GLU A 202 -10.47 -12.48 11.13
C GLU A 202 -9.07 -12.51 11.68
N VAL A 203 -8.12 -12.90 10.83
N VAL A 203 -8.11 -12.86 10.83
CA VAL A 203 -6.73 -12.89 11.20
CA VAL A 203 -6.70 -12.89 11.24
C VAL A 203 -6.32 -11.44 11.53
C VAL A 203 -6.10 -11.48 11.35
N PHE A 204 -6.65 -10.50 10.63
CA PHE A 204 -6.30 -9.08 10.87
C PHE A 204 -6.81 -8.60 12.24
N THR A 205 -8.08 -8.90 12.52
CA THR A 205 -8.67 -8.60 13.81
C THR A 205 -7.83 -9.16 14.95
N GLN A 206 -7.56 -10.47 14.87
N GLN A 206 -7.50 -10.46 14.88
CA GLN A 206 -6.67 -11.20 15.78
CA GLN A 206 -6.69 -11.10 15.90
C GLN A 206 -5.32 -10.51 15.97
C GLN A 206 -5.25 -10.59 15.99
N ALA A 207 -4.68 -10.19 14.85
CA ALA A 207 -3.37 -9.53 14.80
C ALA A 207 -3.44 -8.16 15.51
N LEU A 208 -4.40 -7.34 15.16
CA LEU A 208 -4.63 -6.08 15.88
C LEU A 208 -4.72 -6.29 17.40
N THR A 209 -5.48 -7.32 17.80
CA THR A 209 -5.81 -7.50 19.21
C THR A 209 -4.64 -7.97 20.02
N GLN A 210 -3.90 -8.90 19.43
N GLN A 210 -3.88 -8.88 19.44
CA GLN A 210 -2.69 -9.43 20.02
CA GLN A 210 -2.69 -9.41 20.09
C GLN A 210 -1.64 -8.34 20.11
C GLN A 210 -1.59 -8.36 20.11
N ALA A 211 -1.46 -7.61 19.02
CA ALA A 211 -0.46 -6.54 18.94
C ALA A 211 -0.80 -5.49 19.98
N TRP A 212 -2.06 -5.04 19.99
CA TRP A 212 -2.52 -4.11 21.02
C TRP A 212 -2.33 -4.71 22.40
N GLY A 213 -2.78 -5.94 22.59
CA GLY A 213 -2.84 -6.51 23.92
C GLY A 213 -1.47 -6.62 24.55
N GLU A 214 -0.46 -6.87 23.73
CA GLU A 214 0.85 -7.19 24.23
C GLU A 214 1.88 -6.06 24.32
N ARG A 215 1.49 -4.83 24.00
CA ARG A 215 2.39 -3.70 24.22
C ARG A 215 2.57 -3.54 25.72
N THR A 216 3.81 -3.63 26.19
CA THR A 216 4.09 -3.39 27.62
C THR A 216 4.32 -1.90 27.79
N PRO A 217 4.09 -1.36 28.99
CA PRO A 217 4.44 0.05 29.16
C PRO A 217 5.90 0.33 28.76
N LEU A 218 6.25 1.60 28.50
CA LEU A 218 7.60 1.98 28.10
C LEU A 218 8.65 1.77 29.20
N LYS A 219 9.89 1.52 28.79
CA LYS A 219 10.99 1.41 29.73
C LYS A 219 11.72 2.73 29.72
N LEU A 220 11.85 3.40 30.85
CA LEU A 220 12.43 4.75 30.86
C LEU A 220 13.96 4.75 31.11
N ILE A 221 14.68 5.78 30.64
CA ILE A 221 16.09 6.00 31.03
C ILE A 221 16.28 7.46 31.49
N ASP A 222 16.85 7.63 32.70
CA ASP A 222 16.86 8.93 33.42
C ASP A 222 18.20 9.19 34.10
N ALA A 226 17.82 15.06 31.94
CA ALA A 226 16.95 14.95 33.11
C ALA A 226 16.01 16.15 33.23
N GLU A 227 16.56 17.34 33.01
CA GLU A 227 15.80 18.60 33.06
C GLU A 227 14.63 18.65 32.08
N ALA A 228 13.45 18.98 32.61
CA ALA A 228 12.20 18.93 31.84
C ALA A 228 11.31 20.10 32.25
N CYS A 229 10.26 20.36 31.45
CA CYS A 229 9.16 21.23 31.83
C CYS A 229 7.88 20.42 32.07
N GLY A 230 7.24 20.70 33.19
CA GLY A 230 6.16 19.84 33.67
C GLY A 230 5.06 20.66 34.30
N PRO A 231 4.08 19.99 34.95
CA PRO A 231 2.90 20.75 35.46
C PRO A 231 3.29 21.92 36.39
N ASP A 232 4.43 21.78 37.09
N ASP A 232 4.38 21.79 37.16
CA ASP A 232 4.95 22.80 38.01
CA ASP A 232 4.84 22.91 37.98
C ASP A 232 6.15 23.59 37.46
C ASP A 232 6.18 23.47 37.45
N GLY A 233 6.21 23.75 36.14
CA GLY A 233 7.33 24.49 35.50
C GLY A 233 8.55 23.69 35.11
N CYS A 234 9.66 24.41 34.88
CA CYS A 234 10.92 23.84 34.35
C CYS A 234 12.04 23.71 35.40
N ALA A 235 12.95 22.76 35.17
CA ALA A 235 14.06 22.48 36.10
C ALA A 235 15.13 23.59 36.11
N VAL A 236 15.91 23.65 37.21
CA VAL A 236 16.99 24.65 37.43
C VAL A 236 18.26 24.09 38.14
N PRO A 237 18.56 22.77 38.01
CA PRO A 237 19.52 22.10 38.94
C PRO A 237 20.97 22.66 38.94
N GLY A 238 21.68 22.52 37.82
CA GLY A 238 23.07 22.94 37.69
C GLY A 238 23.19 24.44 37.48
NA NA B . -6.13 0.24 -15.74
C ACT C . -0.51 -7.76 -11.60
O ACT C . -0.07 -6.70 -12.08
OXT ACT C . -1.69 -7.98 -11.88
CH3 ACT C . 0.36 -8.69 -10.77
#